data_4BWC
#
_entry.id   4BWC
#
_cell.length_a   97.370
_cell.length_b   97.370
_cell.length_c   140.945
_cell.angle_alpha   90.00
_cell.angle_beta   90.00
_cell.angle_gamma   120.00
#
_symmetry.space_group_name_H-M   'P 31 2 1'
#
loop_
_entity.id
_entity.type
_entity.pdbx_description
1 polymer 'PHOSPHOLIPASE B-LIKE 1'
2 polymer 'PHOSPHOLIPASE B-LIKE 1'
3 branched 2-acetamido-2-deoxy-beta-D-glucopyranose-(1-4)-2-acetamido-2-deoxy-beta-D-glucopyranose
4 non-polymer 1-ETHOXY-2-(2-ETHOXYETHOXY)ETHANE
5 non-polymer 2-acetamido-2-deoxy-beta-D-glucopyranose
6 non-polymer 'HEXAETHYLENE GLYCOL'
7 non-polymer 'CHLORIDE ION'
8 water water
#
loop_
_entity_poly.entity_id
_entity_poly.type
_entity_poly.pdbx_seq_one_letter_code
_entity_poly.pdbx_strand_id
1 'polypeptide(L)'
;GVYYATAYWMPTEKTIQVKNVLDRKGDAYGFYNNSVKTTGWGILEIKAGYGSQSLSNEIIMFAAGFLEGYLTAPHMDDHF
TNLYPQLIKKRSMLNKVQDFLTKQDQWTRENIKYYKSDPFWRHADYVMAQMDGLFAGATKRAVLEGKKPMTLFQIQFLNA
IGDLLDLIPS
;
A
2 'polypeptide(L)'
;(OCS)SALIKVLPGFENIFFAHSSWYTYAAMLRIYKHWDFNIVDKDTSSSRLSFSSYPGFLESLDDFYLLSSGLVLLQTT
NSVYNKTLLQHVVPQSLLAWQRVRVASMMANNGKQWAEVFSKYNSGTYNNQYMVLDLKKVNLNHSLDEGTLYIVEQIPTY
VEYSEQTAVLRRGYWPSYNIPFHEKVYNWSGYPILVKKLGLDYSYDLASRAKIFRRDQGKVTDMESMKYIMRYNNYKQDP
YSKGDPCNTVCCREDLNSHSPSPGGCYDTKVADIYLASKYKAYAISGPTVQGGLPVFHWSRFNKTLHEGMPEAYNFDFIT
MKPIL
;
B
#
loop_
_chem_comp.id
_chem_comp.type
_chem_comp.name
_chem_comp.formula
CL non-polymer 'CHLORIDE ION' 'Cl -1'
NAG D-saccharide, beta linking 2-acetamido-2-deoxy-beta-D-glucopyranose 'C8 H15 N O6'
P4G non-polymer 1-ETHOXY-2-(2-ETHOXYETHOXY)ETHANE 'C8 H18 O3'
P6G non-polymer 'HEXAETHYLENE GLYCOL' 'C12 H26 O7'
#
# COMPACT_ATOMS: atom_id res chain seq x y z
N GLY A 1 -16.53 -1.32 17.99
CA GLY A 1 -16.46 -2.73 18.46
C GLY A 1 -16.12 -3.67 17.31
N VAL A 2 -15.93 -4.93 17.66
CA VAL A 2 -15.56 -6.00 16.76
C VAL A 2 -16.77 -6.76 16.18
N TYR A 3 -16.86 -6.86 14.85
CA TYR A 3 -17.87 -7.67 14.16
C TYR A 3 -17.22 -8.92 13.67
N TYR A 4 -17.71 -10.11 14.08
CA TYR A 4 -17.22 -11.37 13.52
C TYR A 4 -18.09 -11.87 12.46
N ALA A 5 -17.54 -12.61 11.50
CA ALA A 5 -18.37 -13.20 10.50
C ALA A 5 -17.72 -14.39 9.84
N THR A 6 -18.52 -15.19 9.19
CA THR A 6 -18.07 -16.41 8.58
C THR A 6 -18.81 -16.64 7.31
N ALA A 7 -18.06 -17.00 6.27
CA ALA A 7 -18.64 -17.32 5.00
C ALA A 7 -18.59 -18.82 4.78
N TYR A 8 -19.58 -19.36 4.09
CA TYR A 8 -19.67 -20.78 3.70
C TYR A 8 -19.91 -20.91 2.24
N TRP A 9 -19.05 -21.64 1.57
CA TRP A 9 -19.32 -21.97 0.18
C TRP A 9 -20.35 -23.09 0.16
N MET A 10 -21.41 -22.88 -0.62
CA MET A 10 -22.45 -23.91 -0.88
C MET A 10 -22.15 -24.41 -2.28
N PRO A 11 -21.48 -25.59 -2.40
CA PRO A 11 -20.91 -25.97 -3.69
C PRO A 11 -21.96 -26.10 -4.77
N THR A 12 -23.18 -26.55 -4.40
CA THR A 12 -24.24 -26.81 -5.38
C THR A 12 -24.86 -25.54 -5.95
N GLU A 13 -25.36 -24.65 -5.08
CA GLU A 13 -25.86 -23.34 -5.51
C GLU A 13 -24.75 -22.44 -6.07
N LYS A 14 -23.49 -22.77 -5.74
CA LYS A 14 -22.32 -21.99 -6.12
C LYS A 14 -22.44 -20.59 -5.57
N THR A 15 -22.81 -20.49 -4.31
CA THR A 15 -23.02 -19.20 -3.71
C THR A 15 -22.40 -19.29 -2.33
N ILE A 16 -22.11 -18.13 -1.75
CA ILE A 16 -21.62 -18.06 -0.41
C ILE A 16 -22.77 -17.66 0.46
N GLN A 17 -22.91 -18.22 1.64
CA GLN A 17 -23.80 -17.60 2.61
C GLN A 17 -22.93 -17.15 3.76
N VAL A 18 -23.31 -16.05 4.40
CA VAL A 18 -22.58 -15.52 5.53
C VAL A 18 -23.37 -15.56 6.80
N LYS A 19 -22.71 -15.75 7.96
CA LYS A 19 -23.36 -15.67 9.26
C LYS A 19 -22.51 -14.79 10.09
N ASN A 20 -23.14 -14.13 11.04
CA ASN A 20 -22.44 -13.22 11.92
C ASN A 20 -21.87 -13.80 13.19
N VAL A 21 -21.20 -14.94 13.05
CA VAL A 21 -20.42 -15.54 14.14
C VAL A 21 -18.97 -15.87 13.66
N LEU A 22 -18.07 -16.05 14.61
CA LEU A 22 -16.77 -16.65 14.28
C LEU A 22 -16.83 -18.17 14.36
N ASP A 23 -16.87 -18.83 13.22
CA ASP A 23 -16.88 -20.28 13.19
C ASP A 23 -15.69 -20.90 12.39
N ARG A 24 -14.72 -21.46 13.12
CA ARG A 24 -13.52 -22.03 12.51
C ARG A 24 -13.73 -23.15 11.51
N LYS A 25 -14.94 -23.68 11.40
CA LYS A 25 -15.15 -24.71 10.34
C LYS A 25 -15.54 -24.04 9.06
N GLY A 26 -15.76 -22.71 9.14
CA GLY A 26 -16.20 -21.93 7.96
C GLY A 26 -15.13 -21.82 6.87
N ASP A 27 -15.56 -21.47 5.68
CA ASP A 27 -14.66 -21.31 4.53
C ASP A 27 -13.79 -20.00 4.48
N ALA A 28 -14.22 -18.97 5.20
CA ALA A 28 -13.43 -17.74 5.40
C ALA A 28 -14.05 -17.20 6.62
N TYR A 29 -13.25 -16.89 7.62
CA TYR A 29 -13.85 -16.38 8.83
C TYR A 29 -12.94 -15.35 9.37
N GLY A 30 -13.48 -14.49 10.21
CA GLY A 30 -12.60 -13.51 10.82
C GLY A 30 -13.43 -12.34 11.28
N PHE A 31 -12.82 -11.17 11.40
CA PHE A 31 -13.46 -10.03 12.02
C PHE A 31 -13.08 -8.70 11.37
N TYR A 32 -13.94 -7.71 11.63
CA TYR A 32 -13.65 -6.31 11.44
C TYR A 32 -13.82 -5.59 12.71
N ASN A 33 -12.69 -5.19 13.24
CA ASN A 33 -12.60 -4.30 14.35
C ASN A 33 -12.75 -2.81 13.96
N ASN A 34 -13.95 -2.29 14.26
CA ASN A 34 -14.30 -0.95 13.86
C ASN A 34 -13.70 0.01 14.82
N SER A 35 -12.37 0.03 14.87
CA SER A 35 -11.72 0.94 15.81
C SER A 35 -11.26 2.24 15.26
N VAL A 36 -11.72 2.58 14.04
CA VAL A 36 -11.13 3.79 13.44
C VAL A 36 -11.22 5.07 14.31
N LYS A 37 -12.32 5.26 15.07
CA LYS A 37 -12.43 6.52 15.87
C LYS A 37 -11.65 6.44 17.14
N THR A 38 -11.34 5.20 17.56
CA THR A 38 -10.57 4.94 18.83
C THR A 38 -9.06 5.03 18.67
N THR A 39 -8.59 4.44 17.56
CA THR A 39 -7.13 4.38 17.28
C THR A 39 -6.67 5.01 15.94
N GLY A 40 -7.59 5.34 15.04
CA GLY A 40 -7.19 5.87 13.74
C GLY A 40 -7.09 4.70 12.75
N TRP A 41 -7.28 3.46 13.23
CA TRP A 41 -7.38 2.27 12.41
C TRP A 41 -8.57 1.39 12.66
N GLY A 42 -9.24 1.02 11.57
CA GLY A 42 -9.90 -0.28 11.51
C GLY A 42 -8.89 -1.45 11.43
N ILE A 43 -9.31 -2.59 11.92
CA ILE A 43 -8.54 -3.85 11.82
C ILE A 43 -9.37 -4.97 11.22
N LEU A 44 -8.94 -5.45 10.09
CA LEU A 44 -9.58 -6.59 9.45
C LEU A 44 -8.66 -7.81 9.47
N GLU A 45 -9.21 -8.99 9.81
CA GLU A 45 -8.39 -10.25 9.75
C GLU A 45 -9.21 -11.35 9.20
N ILE A 46 -8.68 -12.02 8.17
CA ILE A 46 -9.39 -13.05 7.45
C ILE A 46 -8.52 -14.31 7.42
N LYS A 47 -9.10 -15.46 7.78
CA LYS A 47 -8.48 -16.79 7.64
C LYS A 47 -9.40 -17.54 6.70
N ALA A 48 -8.93 -17.92 5.52
CA ALA A 48 -9.77 -18.56 4.55
C ALA A 48 -9.21 -19.88 4.01
N GLY A 49 -10.13 -20.81 3.70
CA GLY A 49 -9.78 -22.18 3.32
C GLY A 49 -9.24 -23.12 4.40
N TYR A 50 -9.36 -22.74 5.67
CA TYR A 50 -8.94 -23.51 6.83
C TYR A 50 -10.13 -24.20 7.57
N GLY A 51 -11.27 -24.42 6.90
CA GLY A 51 -12.46 -24.97 7.61
C GLY A 51 -12.66 -26.42 7.22
N SER A 52 -13.84 -26.96 7.49
CA SER A 52 -14.18 -28.33 7.10
C SER A 52 -13.98 -28.60 5.64
N GLN A 53 -14.45 -27.71 4.80
CA GLN A 53 -14.49 -28.01 3.37
C GLN A 53 -13.12 -27.85 2.74
N SER A 54 -12.80 -28.72 1.80
CA SER A 54 -11.53 -28.61 1.14
C SER A 54 -11.88 -27.86 -0.13
N LEU A 55 -11.22 -26.73 -0.38
CA LEU A 55 -11.67 -25.82 -1.45
C LEU A 55 -10.60 -25.56 -2.46
N SER A 56 -10.98 -25.46 -3.72
CA SER A 56 -10.12 -25.02 -4.80
C SER A 56 -9.58 -23.62 -4.44
N ASN A 57 -8.42 -23.29 -5.01
CA ASN A 57 -7.72 -22.03 -4.65
C ASN A 57 -8.55 -20.77 -4.96
N GLU A 58 -9.10 -20.77 -6.15
CA GLU A 58 -10.01 -19.70 -6.64
C GLU A 58 -11.21 -19.43 -5.71
N ILE A 59 -11.76 -20.49 -5.09
CA ILE A 59 -12.91 -20.31 -4.21
C ILE A 59 -12.45 -19.85 -2.85
N ILE A 60 -11.24 -20.28 -2.40
CA ILE A 60 -10.66 -19.67 -1.20
C ILE A 60 -10.53 -18.11 -1.40
N MET A 61 -9.96 -17.70 -2.51
CA MET A 61 -9.78 -16.24 -2.80
C MET A 61 -11.17 -15.50 -2.85
N PHE A 62 -12.13 -16.11 -3.56
CA PHE A 62 -13.49 -15.54 -3.69
C PHE A 62 -14.11 -15.37 -2.31
N ALA A 63 -14.03 -16.42 -1.47
CA ALA A 63 -14.56 -16.37 -0.14
C ALA A 63 -13.90 -15.33 0.77
N ALA A 64 -12.58 -15.20 0.66
CA ALA A 64 -11.88 -14.18 1.45
C ALA A 64 -12.39 -12.78 1.02
N GLY A 65 -12.50 -12.55 -0.28
CA GLY A 65 -12.97 -11.18 -0.74
C GLY A 65 -14.43 -10.96 -0.33
N PHE A 66 -15.21 -12.03 -0.50
CA PHE A 66 -16.66 -11.98 -0.07
C PHE A 66 -16.76 -11.59 1.34
N LEU A 67 -16.06 -12.27 2.25
CA LEU A 67 -16.04 -11.89 3.65
C LEU A 67 -15.61 -10.43 3.90
N GLU A 68 -14.51 -10.03 3.24
CA GLU A 68 -14.05 -8.64 3.44
C GLU A 68 -15.12 -7.64 2.95
N GLY A 69 -15.73 -7.88 1.79
CA GLY A 69 -16.73 -6.90 1.23
C GLY A 69 -17.96 -6.79 2.16
N TYR A 70 -18.43 -7.96 2.62
CA TYR A 70 -19.53 -8.06 3.61
C TYR A 70 -19.27 -7.27 4.89
N LEU A 71 -18.10 -7.44 5.49
CA LEU A 71 -17.74 -6.67 6.69
C LEU A 71 -17.44 -5.18 6.48
N THR A 72 -16.85 -4.80 5.34
CA THR A 72 -16.39 -3.42 5.27
C THR A 72 -17.20 -2.54 4.34
N ALA A 73 -18.21 -3.07 3.64
CA ALA A 73 -18.98 -2.24 2.64
C ALA A 73 -19.32 -0.80 3.08
N PRO A 74 -19.81 -0.60 4.34
CA PRO A 74 -20.16 0.78 4.74
C PRO A 74 -18.96 1.74 4.58
N HIS A 75 -17.83 1.28 5.07
CA HIS A 75 -16.59 2.01 4.96
C HIS A 75 -16.02 2.06 3.53
N MET A 76 -16.28 1.04 2.71
CA MET A 76 -15.94 1.10 1.29
C MET A 76 -16.67 2.26 0.61
N ASP A 77 -17.94 2.40 1.00
CA ASP A 77 -18.68 3.48 0.44
C ASP A 77 -18.25 4.83 0.95
N ASP A 78 -17.87 5.00 2.25
CA ASP A 78 -17.39 6.25 2.73
C ASP A 78 -16.03 6.61 2.05
N HIS A 79 -15.14 5.62 1.94
CA HIS A 79 -13.82 5.89 1.33
C HIS A 79 -13.96 6.35 -0.13
N PHE A 80 -14.87 5.71 -0.89
CA PHE A 80 -15.21 6.17 -2.24
C PHE A 80 -15.74 7.62 -2.27
N THR A 81 -16.73 7.87 -1.41
CA THR A 81 -17.23 9.24 -1.23
C THR A 81 -16.13 10.22 -0.98
N ASN A 82 -15.14 9.87 -0.15
CA ASN A 82 -14.12 10.80 0.22
C ASN A 82 -13.06 11.02 -0.85
N LEU A 83 -12.70 9.93 -1.54
CA LEU A 83 -11.60 10.03 -2.52
C LEU A 83 -12.07 10.37 -3.95
N TYR A 84 -13.28 9.98 -4.29
CA TYR A 84 -13.81 10.30 -5.66
C TYR A 84 -13.53 11.78 -6.04
N PRO A 85 -13.91 12.76 -5.20
CA PRO A 85 -13.72 14.19 -5.60
C PRO A 85 -12.32 14.68 -5.48
N GLN A 86 -11.47 13.95 -4.76
CA GLN A 86 -10.05 14.23 -4.76
C GLN A 86 -9.47 13.92 -6.13
N LEU A 87 -10.05 12.96 -6.83
CA LEU A 87 -9.42 12.63 -8.13
C LEU A 87 -10.22 13.14 -9.31
N ILE A 88 -11.53 13.18 -9.16
CA ILE A 88 -12.43 13.44 -10.33
C ILE A 88 -13.18 14.75 -9.99
N LYS A 89 -12.89 15.82 -10.70
CA LYS A 89 -13.75 17.02 -10.53
C LYS A 89 -14.57 17.36 -11.77
N LYS A 90 -14.26 16.75 -12.92
CA LYS A 90 -14.93 17.07 -14.20
C LYS A 90 -15.43 15.76 -14.84
N ARG A 91 -16.61 15.79 -15.48
CA ARG A 91 -17.16 14.56 -16.08
C ARG A 91 -16.25 14.10 -17.19
N SER A 92 -15.55 15.04 -17.83
CA SER A 92 -14.48 14.70 -18.79
C SER A 92 -13.44 13.76 -18.26
N MET A 93 -13.01 13.99 -17.01
CA MET A 93 -12.08 13.07 -16.36
C MET A 93 -12.76 11.75 -16.08
N LEU A 94 -14.02 11.80 -15.65
CA LEU A 94 -14.71 10.56 -15.32
C LEU A 94 -14.73 9.73 -16.65
N ASN A 95 -15.02 10.38 -17.78
CA ASN A 95 -15.05 9.65 -19.09
C ASN A 95 -13.75 8.92 -19.34
N LYS A 96 -12.62 9.61 -19.18
CA LYS A 96 -11.33 9.02 -19.44
C LYS A 96 -11.07 7.80 -18.55
N VAL A 97 -11.42 7.95 -17.29
CA VAL A 97 -11.17 6.93 -16.24
C VAL A 97 -12.07 5.70 -16.48
N GLN A 98 -13.35 5.94 -16.76
CA GLN A 98 -14.28 4.81 -17.01
C GLN A 98 -13.79 4.03 -18.17
N ASP A 99 -13.50 4.71 -19.25
CA ASP A 99 -13.01 4.05 -20.47
C ASP A 99 -11.72 3.22 -20.20
N PHE A 100 -10.71 3.85 -19.60
CA PHE A 100 -9.50 3.06 -19.28
C PHE A 100 -9.80 1.85 -18.39
N LEU A 101 -10.51 2.03 -17.26
CA LEU A 101 -10.67 0.88 -16.39
C LEU A 101 -11.51 -0.18 -17.06
N THR A 102 -12.49 0.23 -17.87
CA THR A 102 -13.32 -0.80 -18.57
C THR A 102 -12.45 -1.61 -19.56
N LYS A 103 -11.64 -0.95 -20.36
CA LYS A 103 -10.80 -1.65 -21.35
C LYS A 103 -9.75 -2.54 -20.64
N GLN A 104 -9.28 -2.04 -19.50
CA GLN A 104 -8.22 -2.74 -18.78
C GLN A 104 -8.72 -3.97 -18.13
N ASP A 105 -9.94 -3.90 -17.58
CA ASP A 105 -10.53 -5.05 -16.90
C ASP A 105 -10.94 -6.16 -17.91
N GLN A 106 -11.50 -5.70 -19.01
CA GLN A 106 -11.82 -6.61 -20.10
C GLN A 106 -10.59 -7.33 -20.63
N TRP A 107 -9.53 -6.61 -20.91
CA TRP A 107 -8.27 -7.18 -21.28
C TRP A 107 -7.69 -8.18 -20.23
N THR A 108 -7.74 -7.83 -18.95
CA THR A 108 -7.29 -8.69 -17.86
C THR A 108 -8.07 -10.02 -17.88
N ARG A 109 -9.40 -9.96 -17.98
CA ARG A 109 -10.28 -11.17 -17.94
C ARG A 109 -10.08 -12.09 -19.11
N GLU A 110 -9.89 -11.51 -20.28
CA GLU A 110 -9.61 -12.25 -21.50
C GLU A 110 -8.29 -12.99 -21.38
N ASN A 111 -7.26 -12.31 -20.84
CA ASN A 111 -5.99 -13.06 -20.66
C ASN A 111 -6.09 -14.17 -19.66
N ILE A 112 -6.82 -13.96 -18.59
CA ILE A 112 -6.98 -14.98 -17.61
C ILE A 112 -7.66 -16.23 -18.24
N LYS A 113 -8.76 -16.00 -18.94
CA LYS A 113 -9.42 -17.05 -19.76
C LYS A 113 -8.48 -17.77 -20.77
N TYR A 114 -7.75 -17.04 -21.58
CA TYR A 114 -6.81 -17.60 -22.53
C TYR A 114 -5.66 -18.41 -21.90
N TYR A 115 -5.02 -17.88 -20.85
CA TYR A 115 -3.79 -18.49 -20.36
C TYR A 115 -4.03 -19.38 -19.18
N LYS A 116 -4.92 -20.36 -19.36
CA LYS A 116 -5.29 -21.24 -18.24
C LYS A 116 -4.16 -22.21 -17.80
N SER A 117 -3.22 -22.45 -18.70
CA SER A 117 -2.01 -23.22 -18.31
C SER A 117 -0.96 -22.43 -17.50
N ASP A 118 -0.93 -21.12 -17.61
CA ASP A 118 0.27 -20.36 -17.21
C ASP A 118 0.24 -20.06 -15.71
N PRO A 119 1.32 -20.39 -14.96
CA PRO A 119 1.34 -20.06 -13.52
C PRO A 119 1.10 -18.55 -13.17
N PHE A 120 1.68 -17.67 -13.97
CA PHE A 120 1.49 -16.21 -13.77
C PHE A 120 0.03 -15.84 -13.95
N TRP A 121 -0.58 -16.26 -15.04
CA TRP A 121 -1.98 -15.89 -15.21
C TRP A 121 -2.89 -16.60 -14.29
N ARG A 122 -2.48 -17.79 -13.86
CA ARG A 122 -3.31 -18.46 -12.85
C ARG A 122 -3.36 -17.66 -11.56
N HIS A 123 -2.24 -17.02 -11.18
CA HIS A 123 -2.24 -16.17 -9.99
C HIS A 123 -2.94 -14.84 -10.22
N ALA A 124 -2.80 -14.27 -11.42
CA ALA A 124 -3.75 -13.13 -11.75
C ALA A 124 -5.21 -13.51 -11.51
N ASP A 125 -5.52 -14.75 -11.90
CA ASP A 125 -6.89 -15.31 -11.66
C ASP A 125 -7.26 -15.36 -10.17
N TYR A 126 -6.32 -15.81 -9.32
CA TYR A 126 -6.61 -15.72 -7.90
C TYR A 126 -6.95 -14.31 -7.37
N VAL A 127 -6.19 -13.31 -7.84
CA VAL A 127 -6.42 -11.93 -7.41
C VAL A 127 -7.82 -11.45 -7.91
N MET A 128 -8.13 -11.76 -9.15
CA MET A 128 -9.44 -11.41 -9.76
C MET A 128 -10.64 -12.17 -9.10
N ALA A 129 -10.45 -13.42 -8.67
CA ALA A 129 -11.48 -14.10 -7.83
C ALA A 129 -11.70 -13.36 -6.56
N GLN A 130 -10.62 -12.84 -5.93
CA GLN A 130 -10.80 -12.18 -4.68
C GLN A 130 -11.60 -10.90 -4.93
N MET A 131 -11.32 -10.28 -6.06
CA MET A 131 -12.00 -9.00 -6.42
C MET A 131 -13.51 -9.27 -6.70
N ASP A 132 -13.81 -10.36 -7.45
CA ASP A 132 -15.24 -10.77 -7.64
C ASP A 132 -15.94 -11.02 -6.35
N GLY A 133 -15.24 -11.70 -5.46
CA GLY A 133 -15.76 -11.91 -4.14
C GLY A 133 -16.00 -10.66 -3.36
N LEU A 134 -15.04 -9.74 -3.43
CA LEU A 134 -15.20 -8.47 -2.72
C LEU A 134 -16.48 -7.76 -3.29
N PHE A 135 -16.66 -7.80 -4.60
CA PHE A 135 -17.82 -7.17 -5.23
C PHE A 135 -19.15 -7.88 -4.74
N ALA A 136 -19.13 -9.23 -4.80
CA ALA A 136 -20.24 -10.12 -4.31
C ALA A 136 -20.61 -9.90 -2.86
N GLY A 137 -19.61 -9.86 -1.98
CA GLY A 137 -19.74 -9.52 -0.58
C GLY A 137 -20.30 -8.15 -0.24
N ALA A 138 -19.75 -7.09 -0.85
CA ALA A 138 -20.23 -5.72 -0.57
C ALA A 138 -21.74 -5.52 -0.99
N THR A 139 -22.10 -6.11 -2.11
CA THR A 139 -23.48 -6.15 -2.64
C THR A 139 -24.40 -6.84 -1.65
N LYS A 140 -24.01 -8.06 -1.22
CA LYS A 140 -24.81 -8.84 -0.26
C LYS A 140 -25.13 -7.99 0.93
N ARG A 141 -24.13 -7.27 1.43
CA ARG A 141 -24.23 -6.48 2.67
C ARG A 141 -25.19 -5.31 2.45
N ALA A 142 -25.06 -4.67 1.27
CA ALA A 142 -25.90 -3.55 0.81
C ALA A 142 -27.37 -3.96 0.70
N VAL A 143 -27.65 -4.99 -0.09
CA VAL A 143 -29.01 -5.52 -0.20
C VAL A 143 -29.64 -5.81 1.18
N LEU A 144 -28.91 -6.56 2.00
CA LEU A 144 -29.35 -6.92 3.32
C LEU A 144 -29.63 -5.70 4.22
N GLU A 145 -28.96 -4.57 3.98
CA GLU A 145 -29.14 -3.34 4.76
C GLU A 145 -30.13 -2.40 4.05
N GLY A 146 -30.55 -2.80 2.84
CA GLY A 146 -31.42 -1.98 1.99
C GLY A 146 -30.78 -0.75 1.37
N LYS A 147 -29.50 -0.79 1.04
CA LYS A 147 -28.85 0.34 0.34
C LYS A 147 -28.63 -0.01 -1.12
N LYS A 148 -28.50 0.99 -1.98
CA LYS A 148 -28.03 0.75 -3.37
C LYS A 148 -26.60 0.15 -3.30
N PRO A 149 -26.37 -1.09 -3.82
CA PRO A 149 -24.99 -1.65 -3.76
C PRO A 149 -24.00 -0.78 -4.56
N MET A 150 -22.74 -0.71 -4.12
CA MET A 150 -21.65 -0.15 -4.96
C MET A 150 -21.51 -0.84 -6.32
N THR A 151 -21.08 -0.15 -7.38
CA THR A 151 -20.96 -0.81 -8.66
C THR A 151 -19.55 -1.41 -8.76
N LEU A 152 -19.33 -2.24 -9.80
CA LEU A 152 -18.03 -2.93 -9.97
C LEU A 152 -17.05 -1.81 -10.33
N PHE A 153 -17.55 -0.82 -11.08
CA PHE A 153 -16.70 0.33 -11.43
C PHE A 153 -16.16 1.04 -10.19
N GLN A 154 -17.02 1.24 -9.22
CA GLN A 154 -16.58 1.89 -8.00
C GLN A 154 -15.44 1.09 -7.26
N ILE A 155 -15.55 -0.24 -7.34
CA ILE A 155 -14.56 -1.12 -6.68
C ILE A 155 -13.25 -1.09 -7.51
N GLN A 156 -13.37 -1.04 -8.84
CA GLN A 156 -12.21 -0.94 -9.73
C GLN A 156 -11.47 0.38 -9.44
N PHE A 157 -12.25 1.45 -9.32
CA PHE A 157 -11.73 2.77 -9.04
C PHE A 157 -10.98 2.80 -7.69
N LEU A 158 -11.55 2.25 -6.60
CA LEU A 158 -10.83 2.19 -5.32
C LEU A 158 -9.45 1.47 -5.47
N ASN A 159 -9.44 0.34 -6.17
CA ASN A 159 -8.25 -0.47 -6.24
C ASN A 159 -7.22 0.17 -7.17
N ALA A 160 -7.72 1.03 -8.09
CA ALA A 160 -6.90 1.70 -9.07
C ALA A 160 -6.39 3.08 -8.62
N ILE A 161 -6.68 3.53 -7.38
CA ILE A 161 -6.34 4.92 -7.01
C ILE A 161 -4.89 5.28 -7.36
N GLY A 162 -3.98 4.40 -6.98
CA GLY A 162 -2.53 4.67 -7.31
C GLY A 162 -2.25 4.81 -8.77
N ASP A 163 -2.80 3.91 -9.58
CA ASP A 163 -2.60 3.98 -11.03
C ASP A 163 -3.28 5.21 -11.59
N LEU A 164 -4.40 5.62 -10.98
CA LEU A 164 -5.10 6.84 -11.45
C LEU A 164 -4.34 8.14 -11.18
N LEU A 165 -3.59 8.23 -10.08
CA LEU A 165 -2.92 9.52 -9.71
C LEU A 165 -2.05 10.06 -10.81
N ASP A 166 -1.07 9.28 -11.28
CA ASP A 166 -0.27 9.73 -12.43
C ASP A 166 -1.04 9.69 -13.76
N LEU A 167 -2.01 8.81 -13.88
CA LEU A 167 -2.74 8.73 -15.14
C LEU A 167 -3.69 9.91 -15.50
N ILE A 168 -4.47 10.38 -14.53
CA ILE A 168 -5.48 11.41 -14.79
C ILE A 168 -4.94 12.72 -15.40
N PRO A 169 -3.87 13.34 -14.82
CA PRO A 169 -3.33 14.50 -15.58
C PRO A 169 -2.90 14.24 -17.06
N SER A 170 -2.54 13.00 -17.46
CA SER A 170 -2.31 12.65 -18.88
C SER A 170 -3.50 13.00 -19.77
N OCS B 1 5.70 10.44 0.11
CA OCS B 1 5.96 9.36 1.08
CB OCS B 1 5.59 8.02 0.45
SG OCS B 1 4.25 8.15 -0.54
C OCS B 1 7.44 9.18 1.37
O OCS B 1 8.28 9.38 0.48
OD1 OCS B 1 3.87 9.53 -0.55
OD2 OCS B 1 2.87 7.45 0.11
OD3 OCS B 1 4.68 7.89 -1.95
N SER B 2 7.76 8.82 2.62
CA SER B 2 9.12 8.61 3.11
C SER B 2 9.24 7.17 3.56
N ALA B 3 10.41 6.56 3.24
CA ALA B 3 10.68 5.24 3.71
C ALA B 3 12.15 5.13 4.07
N LEU B 4 12.44 4.18 4.92
CA LEU B 4 13.81 4.07 5.41
C LEU B 4 14.02 2.64 5.90
N ILE B 5 15.16 2.06 5.50
CA ILE B 5 15.62 0.80 6.07
C ILE B 5 16.91 1.18 6.74
N LYS B 6 17.06 0.81 8.00
CA LYS B 6 18.28 1.22 8.77
C LYS B 6 18.80 0.02 9.54
N VAL B 7 20.10 -0.32 9.33
CA VAL B 7 20.70 -1.45 10.06
C VAL B 7 21.54 -0.87 11.14
N LEU B 8 21.47 -1.52 12.30
CA LEU B 8 22.34 -1.11 13.45
C LEU B 8 23.85 -1.32 13.19
N PRO B 9 24.74 -0.61 13.94
CA PRO B 9 26.15 -0.65 13.56
C PRO B 9 26.86 -2.01 13.64
N GLY B 10 26.39 -2.95 14.51
CA GLY B 10 26.91 -4.31 14.57
C GLY B 10 25.93 -5.33 13.99
N PHE B 11 25.03 -4.87 13.09
CA PHE B 11 23.96 -5.71 12.50
C PHE B 11 23.15 -6.35 13.61
N GLU B 12 23.04 -5.63 14.71
CA GLU B 12 22.22 -6.13 15.87
C GLU B 12 20.74 -6.19 15.64
N ASN B 13 20.23 -5.34 14.72
CA ASN B 13 18.88 -5.43 14.35
C ASN B 13 18.82 -4.73 12.99
N ILE B 14 17.68 -4.87 12.32
CA ILE B 14 17.39 -3.98 11.15
C ILE B 14 15.92 -3.47 11.24
N PHE B 15 15.74 -2.17 11.07
CA PHE B 15 14.44 -1.48 11.09
C PHE B 15 13.98 -1.11 9.69
N PHE B 16 12.67 -1.17 9.42
CA PHE B 16 12.18 -0.70 8.12
C PHE B 16 10.88 0.00 8.40
N ALA B 17 10.61 1.07 7.68
CA ALA B 17 9.44 1.90 8.02
C ALA B 17 8.97 2.66 6.84
N HIS B 18 7.69 3.02 6.80
CA HIS B 18 7.18 3.86 5.72
C HIS B 18 6.21 4.87 6.31
N SER B 19 6.31 6.12 5.92
CA SER B 19 5.31 7.12 6.30
C SER B 19 4.62 7.64 5.03
N SER B 20 3.33 7.30 4.88
CA SER B 20 2.53 7.70 3.70
C SER B 20 2.28 9.20 3.67
N TRP B 21 2.32 9.80 2.49
CA TRP B 21 1.83 11.22 2.27
C TRP B 21 0.81 11.15 1.18
N TYR B 22 -0.36 11.77 1.43
CA TYR B 22 -1.39 11.91 0.40
C TYR B 22 -2.49 12.82 0.97
N THR B 23 -3.65 12.87 0.35
CA THR B 23 -4.68 13.77 0.87
C THR B 23 -5.17 13.23 2.20
N TYR B 24 -5.35 14.10 3.18
CA TYR B 24 -5.97 13.60 4.45
C TYR B 24 -7.34 12.98 4.26
N ALA B 25 -7.99 13.24 3.14
CA ALA B 25 -9.28 12.53 2.83
C ALA B 25 -9.14 11.03 2.68
N ALA B 26 -7.89 10.55 2.67
CA ALA B 26 -7.70 9.12 2.57
C ALA B 26 -7.55 8.45 3.95
N MET B 27 -7.58 9.20 5.08
CA MET B 27 -7.33 8.59 6.39
C MET B 27 -8.45 7.76 7.06
N LEU B 28 -9.33 7.17 6.29
CA LEU B 28 -10.21 6.11 6.77
C LEU B 28 -9.44 4.74 6.58
N ARG B 29 -8.74 4.30 7.64
CA ARG B 29 -7.71 3.26 7.44
C ARG B 29 -8.17 1.96 7.89
N ILE B 30 -7.70 0.90 7.20
CA ILE B 30 -7.88 -0.47 7.73
C ILE B 30 -6.51 -1.19 7.66
N TYR B 31 -6.04 -1.71 8.80
CA TYR B 31 -4.83 -2.55 8.85
C TYR B 31 -5.30 -3.96 8.66
N LYS B 32 -4.72 -4.68 7.66
CA LYS B 32 -5.19 -5.94 7.27
C LYS B 32 -4.23 -7.10 7.53
N HIS B 33 -4.82 -8.19 7.98
CA HIS B 33 -4.11 -9.47 8.15
C HIS B 33 -4.85 -10.51 7.35
N TRP B 34 -4.26 -11.01 6.27
CA TRP B 34 -4.88 -12.06 5.50
C TRP B 34 -4.07 -13.33 5.61
N ASP B 35 -4.77 -14.47 5.69
CA ASP B 35 -4.17 -15.81 5.59
C ASP B 35 -5.11 -16.68 4.81
N PHE B 36 -4.70 -17.02 3.63
CA PHE B 36 -5.47 -17.80 2.72
C PHE B 36 -4.75 -19.14 2.49
N ASN B 37 -5.50 -20.20 2.63
CA ASN B 37 -4.89 -21.57 2.61
C ASN B 37 -4.61 -22.05 1.20
N ILE B 38 -3.78 -21.29 0.45
CA ILE B 38 -3.56 -21.67 -0.96
C ILE B 38 -2.50 -22.81 -1.05
N VAL B 39 -2.73 -23.73 -1.98
CA VAL B 39 -1.90 -24.90 -2.19
C VAL B 39 -1.62 -24.95 -3.64
N ASP B 40 -0.40 -24.51 -3.97
CA ASP B 40 -0.04 -24.27 -5.35
C ASP B 40 1.48 -24.19 -5.38
N LYS B 41 2.05 -24.96 -6.32
CA LYS B 41 3.54 -25.10 -6.34
C LYS B 41 4.28 -23.81 -6.72
N ASP B 42 3.58 -22.90 -7.42
CA ASP B 42 4.13 -21.61 -7.86
C ASP B 42 3.70 -20.44 -6.94
N THR B 43 3.00 -20.75 -5.84
CA THR B 43 2.71 -19.75 -4.79
C THR B 43 3.82 -19.80 -3.78
N SER B 44 4.47 -18.66 -3.52
CA SER B 44 5.40 -18.56 -2.36
C SER B 44 4.77 -18.00 -1.11
N SER B 45 3.68 -17.23 -1.20
CA SER B 45 3.17 -16.56 0.00
C SER B 45 1.66 -16.33 -0.25
N SER B 46 0.84 -16.76 0.72
CA SER B 46 -0.58 -16.40 0.72
C SER B 46 -0.98 -15.96 2.08
N ARG B 47 -0.01 -15.39 2.78
CA ARG B 47 -0.27 -14.80 4.08
C ARG B 47 0.55 -13.53 4.16
N LEU B 48 -0.08 -12.47 4.64
CA LEU B 48 0.51 -11.13 4.58
C LEU B 48 -0.28 -10.24 5.49
N SER B 49 0.43 -9.31 6.10
CA SER B 49 -0.11 -8.23 6.94
C SER B 49 0.37 -6.91 6.35
N PHE B 50 -0.50 -5.91 6.30
CA PHE B 50 -0.13 -4.69 5.63
C PHE B 50 -1.11 -3.54 5.95
N SER B 51 -0.59 -2.31 5.85
CA SER B 51 -1.44 -1.13 6.03
C SER B 51 -2.29 -0.93 4.80
N SER B 52 -3.58 -0.58 5.01
CA SER B 52 -4.48 -0.49 3.93
C SER B 52 -5.74 0.43 4.18
N TYR B 53 -6.80 0.15 3.41
CA TYR B 53 -7.97 1.08 3.29
C TYR B 53 -9.17 0.27 2.96
N PRO B 54 -10.39 0.85 3.17
CA PRO B 54 -11.58 0.08 2.78
C PRO B 54 -11.63 -0.19 1.27
N GLY B 55 -11.95 -1.42 0.91
CA GLY B 55 -12.08 -1.89 -0.48
C GLY B 55 -10.78 -2.09 -1.26
N PHE B 56 -9.64 -1.74 -0.66
CA PHE B 56 -8.32 -1.97 -1.32
C PHE B 56 -7.80 -3.41 -1.14
N LEU B 57 -7.72 -4.18 -2.22
CA LEU B 57 -7.10 -5.51 -2.12
C LEU B 57 -5.53 -5.35 -2.28
N GLU B 58 -4.99 -4.29 -1.66
CA GLU B 58 -3.54 -3.95 -1.71
C GLU B 58 -3.31 -2.94 -0.60
N SER B 59 -2.03 -2.73 -0.31
CA SER B 59 -1.64 -1.68 0.66
C SER B 59 -1.83 -0.26 0.10
N LEU B 60 -1.51 -0.10 -1.19
CA LEU B 60 -1.28 1.23 -1.79
C LEU B 60 -0.04 1.98 -1.23
N ASP B 61 0.15 1.97 0.08
CA ASP B 61 1.16 2.84 0.68
C ASP B 61 2.60 2.92 0.08
N ASP B 62 3.38 1.83 0.08
CA ASP B 62 3.02 0.49 0.53
C ASP B 62 3.87 0.09 1.73
N PHE B 63 3.31 -0.84 2.52
CA PHE B 63 3.99 -1.48 3.62
C PHE B 63 3.42 -2.88 3.84
N TYR B 64 4.23 -3.88 3.47
CA TYR B 64 3.75 -5.26 3.47
C TYR B 64 4.75 -6.11 4.26
N LEU B 65 4.21 -7.06 5.05
CA LEU B 65 5.04 -8.14 5.70
C LEU B 65 4.50 -9.41 5.03
N LEU B 66 5.30 -10.09 4.21
CA LEU B 66 4.87 -11.25 3.48
C LEU B 66 5.39 -12.52 4.20
N SER B 67 4.61 -13.60 4.08
CA SER B 67 4.98 -14.89 4.73
C SER B 67 6.20 -15.50 3.98
N SER B 68 6.55 -15.01 2.79
CA SER B 68 7.80 -15.49 2.11
C SER B 68 9.07 -14.94 2.79
N GLY B 69 8.88 -14.13 3.83
CA GLY B 69 10.03 -13.43 4.52
C GLY B 69 10.44 -12.13 3.77
N LEU B 70 9.80 -11.78 2.67
CA LEU B 70 10.04 -10.44 2.07
C LEU B 70 9.18 -9.39 2.80
N VAL B 71 9.73 -8.22 2.89
CA VAL B 71 9.07 -6.97 3.31
C VAL B 71 9.10 -6.07 2.09
N LEU B 72 7.96 -5.40 1.82
CA LEU B 72 7.89 -4.48 0.69
CA LEU B 72 7.88 -4.47 0.69
C LEU B 72 7.58 -3.08 1.19
N LEU B 73 8.46 -2.11 0.86
CA LEU B 73 8.20 -0.72 1.06
C LEU B 73 8.13 -0.05 -0.33
N GLN B 74 7.42 1.08 -0.45
CA GLN B 74 7.45 1.74 -1.73
C GLN B 74 7.24 3.23 -1.59
N THR B 75 7.90 4.06 -2.40
CA THR B 75 7.57 5.50 -2.51
C THR B 75 7.43 5.85 -4.02
N THR B 76 6.60 6.84 -4.35
CA THR B 76 6.10 7.07 -5.71
C THR B 76 7.07 8.03 -6.41
N ASN B 77 7.43 7.76 -7.68
CA ASN B 77 8.31 8.68 -8.38
C ASN B 77 7.33 9.58 -9.27
N SER B 78 7.76 10.64 -9.88
CA SER B 78 6.89 11.25 -10.88
C SER B 78 7.49 10.98 -12.18
N VAL B 79 6.70 10.98 -13.23
CA VAL B 79 7.30 10.88 -14.55
C VAL B 79 6.99 12.21 -15.23
N TYR B 80 8.02 12.98 -15.59
CA TYR B 80 7.78 14.28 -16.23
C TYR B 80 8.05 14.27 -17.72
N ASN B 81 7.98 13.12 -18.33
CA ASN B 81 8.25 12.99 -19.72
C ASN B 81 6.89 12.62 -20.35
N LYS B 82 6.32 13.63 -21.00
CA LYS B 82 4.98 13.50 -21.59
C LYS B 82 4.91 12.50 -22.76
N THR B 83 5.93 12.43 -23.57
CA THR B 83 6.06 11.43 -24.62
C THR B 83 6.04 10.02 -24.04
N LEU B 84 6.80 9.84 -22.94
CA LEU B 84 6.79 8.55 -22.30
C LEU B 84 5.40 8.18 -21.80
N LEU B 85 4.71 9.12 -21.14
CA LEU B 85 3.39 8.83 -20.61
C LEU B 85 2.38 8.47 -21.74
N GLN B 86 2.67 8.85 -22.98
CA GLN B 86 1.83 8.48 -24.14
C GLN B 86 1.80 7.00 -24.41
N HIS B 87 2.83 6.27 -23.91
CA HIS B 87 2.87 4.85 -24.11
C HIS B 87 1.93 4.05 -23.21
N VAL B 88 1.24 4.70 -22.29
CA VAL B 88 0.38 3.97 -21.38
C VAL B 88 -0.87 3.50 -22.09
N VAL B 89 -1.28 2.23 -21.95
CA VAL B 89 -2.45 1.72 -22.67
C VAL B 89 -3.18 0.83 -21.68
N PRO B 90 -4.48 0.58 -21.90
CA PRO B 90 -5.20 -0.30 -20.93
C PRO B 90 -4.87 -1.77 -21.09
N GLN B 91 -4.17 -2.13 -22.17
CA GLN B 91 -3.76 -3.53 -22.38
C GLN B 91 -2.51 -3.88 -21.54
N SER B 92 -2.68 -3.92 -20.23
CA SER B 92 -1.50 -4.12 -19.33
C SER B 92 -2.16 -4.34 -17.94
N LEU B 93 -1.39 -4.85 -16.95
CA LEU B 93 -1.95 -5.11 -15.64
C LEU B 93 -1.65 -3.81 -14.82
N LEU B 94 -2.59 -3.38 -13.98
CA LEU B 94 -2.37 -2.21 -13.12
C LEU B 94 -1.31 -2.58 -12.06
N ALA B 95 -0.67 -1.55 -11.50
CA ALA B 95 0.32 -1.74 -10.43
C ALA B 95 -0.18 -2.66 -9.30
N TRP B 96 -1.41 -2.45 -8.83
CA TRP B 96 -1.82 -3.22 -7.62
C TRP B 96 -1.90 -4.69 -7.93
N GLN B 97 -2.25 -5.02 -9.18
CA GLN B 97 -2.35 -6.40 -9.64
C GLN B 97 -0.97 -7.05 -9.78
N ARG B 98 -0.03 -6.34 -10.39
CA ARG B 98 1.36 -6.83 -10.42
C ARG B 98 2.05 -6.96 -9.05
N VAL B 99 1.83 -6.00 -8.15
CA VAL B 99 2.30 -6.10 -6.76
C VAL B 99 1.67 -7.35 -6.17
N ARG B 100 0.36 -7.59 -6.39
CA ARG B 100 -0.21 -8.75 -5.71
C ARG B 100 0.28 -10.08 -6.31
N VAL B 101 0.40 -10.12 -7.63
CA VAL B 101 0.86 -11.38 -8.25
C VAL B 101 2.34 -11.68 -7.82
N ALA B 102 3.18 -10.68 -7.95
CA ALA B 102 4.56 -10.82 -7.52
C ALA B 102 4.69 -11.21 -6.03
N SER B 103 3.89 -10.60 -5.13
CA SER B 103 4.05 -10.83 -3.70
C SER B 103 3.50 -12.23 -3.35
N MET B 104 2.66 -12.75 -4.23
CA MET B 104 2.19 -14.14 -4.09
C MET B 104 3.11 -15.21 -4.68
N MET B 105 3.76 -14.90 -5.80
CA MET B 105 4.55 -15.90 -6.53
C MET B 105 6.05 -15.87 -6.08
N ALA B 106 6.58 -14.71 -5.64
CA ALA B 106 8.04 -14.59 -5.53
C ALA B 106 8.61 -15.00 -4.17
N ASN B 107 9.80 -15.58 -4.17
CA ASN B 107 10.43 -16.04 -2.90
C ASN B 107 11.74 -15.32 -2.59
N ASN B 108 12.07 -14.33 -3.40
CA ASN B 108 13.35 -13.55 -3.24
C ASN B 108 13.17 -12.30 -4.04
N GLY B 109 14.05 -11.31 -3.89
CA GLY B 109 13.78 -10.02 -4.49
C GLY B 109 13.98 -9.96 -5.97
N LYS B 110 14.81 -10.86 -6.56
CA LYS B 110 15.01 -10.81 -8.02
C LYS B 110 13.74 -11.37 -8.68
N GLN B 111 13.27 -12.46 -8.12
CA GLN B 111 12.05 -13.05 -8.67
C GLN B 111 10.83 -12.09 -8.48
N TRP B 112 10.80 -11.37 -7.36
CA TRP B 112 9.72 -10.36 -7.16
C TRP B 112 9.80 -9.35 -8.33
N ALA B 113 11.00 -8.79 -8.59
CA ALA B 113 11.09 -7.78 -9.63
C ALA B 113 10.68 -8.39 -11.02
N GLU B 114 11.11 -9.61 -11.29
CA GLU B 114 10.86 -10.19 -12.63
C GLU B 114 9.35 -10.35 -12.82
N VAL B 115 8.66 -10.86 -11.81
CA VAL B 115 7.19 -11.15 -11.91
C VAL B 115 6.44 -9.78 -11.98
N PHE B 116 6.83 -8.83 -11.12
CA PHE B 116 6.12 -7.53 -11.05
C PHE B 116 6.26 -6.79 -12.39
N SER B 117 7.37 -6.96 -13.07
CA SER B 117 7.66 -6.33 -14.36
C SER B 117 6.74 -6.77 -15.52
N LYS B 118 6.16 -7.94 -15.40
CA LYS B 118 5.36 -8.52 -16.53
C LYS B 118 4.03 -7.76 -16.77
N TYR B 119 3.81 -7.38 -18.03
CA TYR B 119 2.62 -6.56 -18.43
C TYR B 119 2.63 -5.22 -17.67
N ASN B 120 3.82 -4.65 -17.48
CA ASN B 120 3.95 -3.32 -16.82
C ASN B 120 2.98 -2.30 -17.48
N SER B 121 2.17 -1.61 -16.68
CA SER B 121 1.26 -0.59 -17.20
C SER B 121 1.86 0.81 -17.33
N GLY B 122 2.99 1.11 -16.66
CA GLY B 122 3.46 2.50 -16.66
C GLY B 122 2.53 3.41 -15.85
N THR B 123 1.73 2.82 -14.97
CA THR B 123 0.82 3.60 -14.07
C THR B 123 1.29 3.36 -12.62
N TYR B 124 1.12 4.35 -11.73
CA TYR B 124 1.64 4.27 -10.34
C TYR B 124 3.15 3.98 -10.38
N ASN B 125 3.89 4.91 -11.02
CA ASN B 125 5.34 4.72 -11.28
C ASN B 125 6.19 4.96 -10.03
N ASN B 126 6.75 3.87 -9.49
CA ASN B 126 7.21 3.87 -8.08
C ASN B 126 8.55 3.25 -8.00
N GLN B 127 9.20 3.52 -6.88
CA GLN B 127 10.30 2.68 -6.40
C GLN B 127 9.81 1.69 -5.30
N TYR B 128 10.12 0.41 -5.41
CA TYR B 128 9.93 -0.60 -4.40
C TYR B 128 11.27 -0.97 -3.82
N MET B 129 11.26 -1.14 -2.50
CA MET B 129 12.36 -1.77 -1.76
C MET B 129 11.89 -3.15 -1.40
N VAL B 130 12.53 -4.21 -1.94
CA VAL B 130 12.12 -5.57 -1.62
C VAL B 130 13.24 -6.02 -0.65
N LEU B 131 12.89 -6.10 0.63
CA LEU B 131 13.86 -6.48 1.70
C LEU B 131 13.63 -8.00 2.03
N ASP B 132 14.63 -8.87 1.73
CA ASP B 132 14.41 -10.34 1.90
C ASP B 132 15.06 -10.68 3.27
N LEU B 133 14.24 -10.72 4.33
CA LEU B 133 14.72 -10.99 5.66
C LEU B 133 15.31 -12.38 5.80
N LYS B 134 15.07 -13.27 4.86
CA LYS B 134 15.69 -14.61 4.92
C LYS B 134 17.18 -14.43 4.73
N LYS B 135 17.62 -13.32 4.13
CA LYS B 135 19.06 -13.08 3.88
C LYS B 135 19.79 -12.37 5.03
N VAL B 136 19.04 -12.00 6.03
CA VAL B 136 19.57 -11.18 7.18
C VAL B 136 19.99 -12.14 8.30
N ASN B 137 21.26 -12.10 8.66
CA ASN B 137 21.71 -12.91 9.85
C ASN B 137 22.28 -11.93 10.87
N LEU B 138 21.49 -11.64 11.89
CA LEU B 138 21.89 -10.57 12.85
C LEU B 138 23.26 -10.88 13.48
N ASN B 139 24.06 -9.83 13.77
CA ASN B 139 25.42 -9.97 14.31
C ASN B 139 26.33 -10.73 13.41
N HIS B 140 25.98 -10.90 12.15
CA HIS B 140 26.79 -11.76 11.28
C HIS B 140 26.92 -11.20 9.87
N SER B 141 25.79 -10.93 9.21
CA SER B 141 25.88 -10.55 7.77
C SER B 141 24.54 -10.17 7.15
N LEU B 142 24.61 -9.34 6.11
CA LEU B 142 23.44 -9.14 5.22
C LEU B 142 23.82 -9.79 3.94
N ASP B 143 23.27 -10.97 3.67
CA ASP B 143 23.78 -11.73 2.50
C ASP B 143 23.30 -11.18 1.20
N GLU B 144 23.93 -11.62 0.11
CA GLU B 144 23.56 -11.18 -1.18
C GLU B 144 22.06 -11.45 -1.36
N GLY B 145 21.32 -10.53 -2.00
CA GLY B 145 19.86 -10.73 -2.11
C GLY B 145 19.07 -9.98 -1.01
N THR B 146 19.71 -9.45 0.02
CA THR B 146 18.95 -8.80 1.10
C THR B 146 18.07 -7.67 0.57
N LEU B 147 18.63 -6.81 -0.28
CA LEU B 147 17.86 -5.66 -0.77
C LEU B 147 17.87 -5.57 -2.30
N TYR B 148 16.69 -5.60 -2.90
CA TYR B 148 16.53 -5.22 -4.30
C TYR B 148 15.73 -3.93 -4.38
N ILE B 149 16.13 -3.04 -5.26
CA ILE B 149 15.43 -1.80 -5.54
C ILE B 149 14.85 -1.92 -6.97
N VAL B 150 13.52 -1.81 -7.07
CA VAL B 150 12.79 -1.93 -8.30
C VAL B 150 12.08 -0.61 -8.67
N GLU B 151 12.28 -0.09 -9.91
CA GLU B 151 11.64 1.18 -10.28
C GLU B 151 10.94 1.07 -11.59
N GLN B 152 9.67 1.56 -11.62
CA GLN B 152 8.86 1.32 -12.81
C GLN B 152 8.60 2.66 -13.48
N ILE B 153 8.71 2.73 -14.80
CA ILE B 153 8.14 3.84 -15.59
C ILE B 153 7.41 3.15 -16.81
N PRO B 154 6.66 3.91 -17.62
CA PRO B 154 5.98 3.26 -18.77
C PRO B 154 7.05 2.59 -19.66
N THR B 155 6.79 1.37 -20.08
CA THR B 155 7.68 0.57 -20.99
C THR B 155 8.95 0.00 -20.34
N TYR B 156 9.26 0.32 -19.07
CA TYR B 156 10.57 -0.06 -18.57
C TYR B 156 10.60 -0.25 -17.05
N VAL B 157 11.03 -1.41 -16.58
CA VAL B 157 11.29 -1.57 -15.13
C VAL B 157 12.76 -1.85 -14.97
N GLU B 158 13.47 -1.07 -14.16
CA GLU B 158 14.86 -1.40 -13.85
C GLU B 158 14.97 -1.89 -12.43
N TYR B 159 15.81 -2.87 -12.17
CA TYR B 159 15.97 -3.32 -10.75
C TYR B 159 17.45 -3.65 -10.53
N SER B 160 17.94 -3.48 -9.30
CA SER B 160 19.29 -3.90 -9.01
C SER B 160 19.43 -4.32 -7.57
N GLU B 161 20.50 -5.05 -7.25
CA GLU B 161 20.71 -5.55 -5.93
C GLU B 161 21.48 -4.46 -5.17
N GLN B 162 20.99 -4.02 -3.98
CA GLN B 162 21.63 -2.91 -3.29
C GLN B 162 22.02 -3.19 -1.86
N THR B 163 22.38 -4.45 -1.61
CA THR B 163 22.77 -4.82 -0.25
C THR B 163 24.09 -4.14 0.16
N ALA B 164 25.02 -3.94 -0.78
CA ALA B 164 26.29 -3.36 -0.35
C ALA B 164 26.10 -1.94 0.26
N VAL B 165 25.24 -1.13 -0.35
CA VAL B 165 24.86 0.22 0.20
C VAL B 165 24.24 0.06 1.56
N LEU B 166 23.27 -0.84 1.65
CA LEU B 166 22.54 -1.03 2.94
C LEU B 166 23.52 -1.47 4.08
N ARG B 167 24.50 -2.33 3.75
CA ARG B 167 25.57 -2.68 4.73
C ARG B 167 26.30 -1.46 5.31
N ARG B 168 26.37 -0.35 4.59
CA ARG B 168 26.96 0.96 5.16
C ARG B 168 26.10 1.62 6.21
N GLY B 169 24.82 1.24 6.25
CA GLY B 169 23.94 1.74 7.31
C GLY B 169 22.47 1.94 6.96
N TYR B 170 22.16 2.27 5.69
CA TYR B 170 20.76 2.59 5.44
C TYR B 170 20.41 2.68 3.98
N TRP B 171 19.10 2.59 3.73
CA TRP B 171 18.56 2.87 2.38
C TRP B 171 17.41 3.82 2.62
N PRO B 172 17.48 5.00 2.07
CA PRO B 172 16.38 5.99 2.15
C PRO B 172 15.51 6.08 0.89
N SER B 173 14.24 6.53 1.03
CA SER B 173 13.40 6.64 -0.20
C SER B 173 12.45 7.82 -0.01
N TYR B 174 12.38 8.72 -1.00
CA TYR B 174 11.71 10.02 -0.87
C TYR B 174 11.28 10.53 -2.24
N ASN B 175 10.61 9.68 -3.04
CA ASN B 175 9.88 10.13 -4.25
C ASN B 175 10.83 10.62 -5.35
N ILE B 176 12.10 10.25 -5.33
CA ILE B 176 12.99 10.62 -6.50
C ILE B 176 13.69 9.31 -6.94
N PRO B 177 13.67 9.00 -8.25
CA PRO B 177 14.28 7.74 -8.67
C PRO B 177 15.79 7.69 -8.44
N PHE B 178 16.24 6.52 -8.02
CA PHE B 178 17.63 6.18 -7.76
C PHE B 178 18.40 5.78 -9.06
N HIS B 179 17.78 4.93 -9.88
CA HIS B 179 18.57 4.37 -11.08
C HIS B 179 18.70 5.47 -12.10
N GLU B 180 19.93 5.71 -12.55
CA GLU B 180 20.18 6.86 -13.42
C GLU B 180 19.35 6.84 -14.71
N LYS B 181 19.20 5.68 -15.32
CA LYS B 181 18.39 5.61 -16.53
C LYS B 181 16.97 6.03 -16.24
N VAL B 182 16.39 5.53 -15.14
CA VAL B 182 15.06 6.00 -14.71
C VAL B 182 14.91 7.47 -14.48
N TYR B 183 15.86 8.02 -13.72
CA TYR B 183 15.84 9.41 -13.32
C TYR B 183 15.91 10.27 -14.64
N ASN B 184 16.81 9.89 -15.55
CA ASN B 184 16.98 10.65 -16.82
C ASN B 184 15.75 10.63 -17.70
N TRP B 185 15.26 9.41 -17.94
CA TRP B 185 14.11 9.16 -18.82
C TRP B 185 12.83 9.76 -18.25
N SER B 186 12.72 9.86 -16.92
CA SER B 186 11.54 10.50 -16.33
C SER B 186 11.62 12.02 -16.33
N GLY B 187 12.74 12.57 -16.73
CA GLY B 187 12.82 14.00 -16.93
C GLY B 187 13.32 14.81 -15.75
N TYR B 188 13.94 14.13 -14.79
CA TYR B 188 14.36 14.84 -13.59
C TYR B 188 15.50 15.86 -13.91
N PRO B 189 16.42 15.53 -14.81
CA PRO B 189 17.53 16.46 -15.04
C PRO B 189 17.08 17.86 -15.51
N ILE B 190 16.07 17.93 -16.35
CA ILE B 190 15.48 19.22 -16.77
C ILE B 190 14.74 19.87 -15.61
N LEU B 191 14.01 19.12 -14.77
CA LEU B 191 13.44 19.73 -13.55
C LEU B 191 14.46 20.32 -12.62
N VAL B 192 15.60 19.65 -12.45
CA VAL B 192 16.64 20.21 -11.59
C VAL B 192 17.14 21.54 -12.20
N LYS B 193 17.37 21.55 -13.51
CA LYS B 193 17.79 22.82 -14.20
C LYS B 193 16.75 23.92 -14.12
N LYS B 194 15.48 23.57 -14.16
CA LYS B 194 14.40 24.54 -14.14
C LYS B 194 14.04 24.95 -12.70
N LEU B 195 14.09 24.03 -11.74
CA LEU B 195 13.59 24.30 -10.37
C LEU B 195 14.61 24.07 -9.25
N GLY B 196 15.81 23.60 -9.58
CA GLY B 196 16.87 23.55 -8.58
C GLY B 196 16.97 22.18 -7.90
N LEU B 197 17.79 22.11 -6.86
CA LEU B 197 18.20 20.83 -6.27
C LEU B 197 17.21 20.05 -5.42
N ASP B 198 16.02 20.58 -5.14
CA ASP B 198 14.91 19.78 -4.53
C ASP B 198 14.53 18.64 -5.43
N TYR B 199 14.89 18.75 -6.70
CA TYR B 199 14.54 17.66 -7.60
C TYR B 199 15.70 16.73 -7.78
N SER B 200 16.81 16.98 -7.09
CA SER B 200 17.90 16.05 -7.33
C SER B 200 17.82 14.90 -6.35
N TYR B 201 18.35 13.75 -6.77
CA TYR B 201 18.32 12.55 -5.91
C TYR B 201 19.19 12.76 -4.68
N ASP B 202 20.35 13.39 -4.87
CA ASP B 202 21.24 13.51 -3.72
C ASP B 202 20.95 14.63 -2.76
N LEU B 203 20.36 15.70 -3.24
CA LEU B 203 20.26 16.88 -2.36
C LEU B 203 18.83 17.39 -2.14
N ALA B 204 17.82 16.56 -2.43
CA ALA B 204 16.45 16.88 -1.98
C ALA B 204 16.43 16.99 -0.48
N SER B 205 15.52 17.78 0.07
CA SER B 205 15.58 17.97 1.53
C SER B 205 15.59 16.66 2.29
N ARG B 206 14.70 15.69 1.96
CA ARG B 206 14.74 14.46 2.73
C ARG B 206 16.00 13.62 2.53
N ALA B 207 16.66 13.76 1.35
CA ALA B 207 17.99 13.05 1.14
C ALA B 207 19.00 13.58 2.19
N LYS B 208 19.05 14.91 2.32
CA LYS B 208 19.95 15.58 3.26
C LYS B 208 19.61 15.25 4.69
N ILE B 209 18.30 15.23 5.05
CA ILE B 209 17.95 14.95 6.42
C ILE B 209 18.27 13.47 6.73
N PHE B 210 17.93 12.56 5.83
CA PHE B 210 18.25 11.14 6.18
C PHE B 210 19.79 10.96 6.21
N ARG B 211 20.52 11.68 5.36
CA ARG B 211 22.00 11.49 5.28
C ARG B 211 22.54 11.97 6.69
N ARG B 212 21.97 13.09 7.16
CA ARG B 212 22.36 13.69 8.46
C ARG B 212 21.97 12.86 9.65
N ASP B 213 20.77 12.31 9.64
CA ASP B 213 20.16 11.70 10.81
C ASP B 213 19.93 10.22 10.88
N GLN B 214 20.15 9.47 9.79
CA GLN B 214 19.90 8.04 9.94
C GLN B 214 20.75 7.37 11.05
N GLY B 215 21.95 7.85 11.22
CA GLY B 215 22.91 7.32 12.20
C GLY B 215 22.41 7.60 13.62
N LYS B 216 21.38 8.43 13.76
CA LYS B 216 20.79 8.73 15.07
C LYS B 216 19.80 7.64 15.43
N VAL B 217 19.43 6.74 14.50
CA VAL B 217 18.62 5.58 14.88
C VAL B 217 19.45 4.48 15.59
N THR B 218 19.09 4.14 16.86
CA THR B 218 19.88 3.21 17.72
C THR B 218 18.92 2.16 18.14
N ASP B 219 17.62 2.41 17.89
CA ASP B 219 16.55 1.48 18.43
C ASP B 219 15.18 1.80 17.91
N MET B 220 14.15 1.12 18.41
CA MET B 220 12.83 1.37 17.88
C MET B 220 12.37 2.81 18.16
N GLU B 221 12.61 3.33 19.37
CA GLU B 221 12.10 4.63 19.62
C GLU B 221 12.65 5.67 18.68
N SER B 222 13.95 5.62 18.44
CA SER B 222 14.56 6.62 17.58
C SER B 222 14.19 6.28 16.06
N MET B 223 13.89 5.03 15.73
CA MET B 223 13.35 4.80 14.33
C MET B 223 11.97 5.49 14.19
N LYS B 224 11.06 5.28 15.15
CA LYS B 224 9.79 6.05 15.15
C LYS B 224 9.98 7.53 15.01
N TYR B 225 10.93 8.06 15.75
CA TYR B 225 11.17 9.48 15.82
C TYR B 225 11.61 10.03 14.45
N ILE B 226 12.56 9.31 13.78
CA ILE B 226 12.99 9.86 12.44
C ILE B 226 11.83 9.80 11.42
N MET B 227 10.96 8.78 11.50
CA MET B 227 9.93 8.57 10.50
C MET B 227 8.70 9.52 10.75
N ARG B 228 8.57 10.03 11.98
CA ARG B 228 7.55 11.03 12.37
C ARG B 228 8.14 12.46 12.32
N TYR B 229 9.42 12.62 11.90
CA TYR B 229 10.18 13.87 11.99
C TYR B 229 9.66 15.01 11.10
N ASN B 230 9.51 16.18 11.73
CA ASN B 230 9.18 17.36 10.94
C ASN B 230 10.12 18.49 11.32
N ASN B 231 9.98 19.07 12.55
CA ASN B 231 10.96 20.13 12.94
C ASN B 231 11.16 21.29 11.96
N TYR B 232 10.15 21.65 11.18
CA TYR B 232 10.40 22.54 10.07
C TYR B 232 10.82 23.97 10.41
N LYS B 233 10.48 24.42 11.60
CA LYS B 233 10.83 25.80 11.98
C LYS B 233 12.28 25.91 12.31
N GLN B 234 12.91 24.81 12.72
CA GLN B 234 14.36 24.88 13.11
C GLN B 234 15.33 24.15 12.12
N ASP B 235 14.83 23.16 11.37
CA ASP B 235 15.78 22.32 10.60
C ASP B 235 16.22 23.17 9.46
N PRO B 236 17.51 23.41 9.35
CA PRO B 236 17.89 24.22 8.19
C PRO B 236 17.56 23.63 6.79
N TYR B 237 17.52 22.31 6.67
CA TYR B 237 17.13 21.71 5.39
C TYR B 237 15.66 21.88 5.03
N SER B 238 14.83 22.30 5.98
CA SER B 238 13.44 22.51 5.61
C SER B 238 13.17 23.85 4.96
N LYS B 239 14.14 24.79 5.05
CA LYS B 239 13.94 26.12 4.48
C LYS B 239 12.61 26.77 4.99
N GLY B 240 12.21 26.48 6.23
CA GLY B 240 10.99 27.06 6.75
C GLY B 240 9.68 26.51 6.22
N ASP B 241 9.72 25.45 5.40
CA ASP B 241 8.53 24.89 4.77
C ASP B 241 8.06 23.60 5.48
N PRO B 242 6.84 23.59 6.06
CA PRO B 242 6.42 22.43 6.87
C PRO B 242 6.22 21.14 6.06
N CYS B 243 6.31 21.25 4.74
CA CYS B 243 6.28 20.02 3.91
C CYS B 243 7.72 19.48 3.55
N ASN B 244 8.73 20.36 3.65
CA ASN B 244 10.11 20.05 3.39
C ASN B 244 10.93 19.22 4.40
N THR B 245 10.46 18.03 4.71
CA THR B 245 11.03 17.25 5.79
C THR B 245 10.49 15.81 5.65
N VAL B 246 10.79 14.93 6.61
CA VAL B 246 10.36 13.57 6.50
C VAL B 246 8.86 13.35 6.57
N CYS B 247 8.20 14.03 7.52
CA CYS B 247 6.80 13.77 7.68
C CYS B 247 6.06 15.10 7.48
N CYS B 248 5.70 15.40 6.22
CA CYS B 248 5.14 16.67 5.70
C CYS B 248 3.81 17.09 6.39
N ARG B 249 3.64 18.38 6.66
CA ARG B 249 2.31 18.91 7.21
C ARG B 249 1.98 20.06 6.31
N GLU B 250 1.44 19.76 5.16
CA GLU B 250 1.07 20.79 4.25
C GLU B 250 -0.13 21.61 4.82
N ASP B 251 -0.87 21.05 5.77
CA ASP B 251 -2.01 21.86 6.34
C ASP B 251 -1.43 23.08 7.09
N LEU B 252 -0.11 23.09 7.36
CA LEU B 252 0.47 24.15 8.18
C LEU B 252 1.16 25.17 7.30
N ASN B 253 1.04 25.00 5.98
CA ASN B 253 1.65 25.94 5.08
C ASN B 253 0.90 27.26 5.32
N SER B 254 1.64 28.35 5.46
CA SER B 254 1.06 29.53 6.09
C SER B 254 0.33 30.41 5.07
N HIS B 255 0.67 30.25 3.79
CA HIS B 255 -0.03 30.98 2.76
C HIS B 255 -0.96 30.16 1.92
N SER B 256 -0.80 28.84 1.83
CA SER B 256 -1.75 27.98 1.07
C SER B 256 -2.00 26.68 1.79
N PRO B 257 -2.57 26.73 2.98
CA PRO B 257 -2.78 25.46 3.73
C PRO B 257 -3.66 24.50 2.93
N SER B 258 -3.40 23.20 2.99
CA SER B 258 -4.20 22.20 2.30
C SER B 258 -4.31 20.98 3.22
N PRO B 259 -5.41 20.25 3.19
CA PRO B 259 -5.45 19.08 4.10
C PRO B 259 -4.75 17.82 3.45
N GLY B 260 -3.42 17.85 3.43
CA GLY B 260 -2.66 16.71 2.97
C GLY B 260 -1.25 16.74 3.47
N GLY B 261 -0.57 15.60 3.27
CA GLY B 261 0.82 15.43 3.69
C GLY B 261 0.97 14.07 4.37
N CYS B 262 1.89 14.01 5.32
CA CYS B 262 2.20 12.74 5.95
C CYS B 262 1.03 12.36 6.94
N TYR B 263 0.51 11.15 6.82
CA TYR B 263 -0.61 10.79 7.66
C TYR B 263 -0.53 9.46 8.37
N ASP B 264 0.68 8.84 8.35
CA ASP B 264 0.84 7.53 9.04
C ASP B 264 2.31 7.28 9.18
N THR B 265 2.63 6.32 10.04
CA THR B 265 3.97 5.71 10.06
C THR B 265 3.76 4.26 10.40
N LYS B 266 4.40 3.32 9.65
CA LYS B 266 4.38 1.93 10.05
C LYS B 266 5.84 1.56 10.20
N VAL B 267 6.21 0.73 11.22
CA VAL B 267 7.62 0.42 11.47
C VAL B 267 7.72 -0.96 12.05
N ALA B 268 8.72 -1.75 11.65
CA ALA B 268 8.93 -3.04 12.26
C ALA B 268 10.43 -3.27 12.27
N ASP B 269 10.83 -4.37 12.87
CA ASP B 269 12.23 -4.85 12.77
C ASP B 269 12.15 -6.31 12.42
N ILE B 270 13.30 -7.03 12.31
CA ILE B 270 13.19 -8.40 11.82
C ILE B 270 12.48 -9.32 12.85
N TYR B 271 12.64 -9.05 14.12
CA TYR B 271 11.95 -9.88 15.18
C TYR B 271 10.41 -9.67 15.08
N LEU B 272 9.98 -8.41 15.09
CA LEU B 272 8.51 -8.18 14.92
C LEU B 272 7.95 -8.80 13.65
N ALA B 273 8.64 -8.63 12.52
CA ALA B 273 8.14 -9.16 11.26
C ALA B 273 7.98 -10.67 11.20
N SER B 274 8.82 -11.44 11.90
CA SER B 274 8.72 -12.88 11.87
C SER B 274 7.45 -13.33 12.55
N LYS B 275 6.82 -12.46 13.34
CA LYS B 275 5.50 -12.75 13.90
C LYS B 275 4.38 -11.92 13.19
N TYR B 276 4.67 -11.40 11.99
CA TYR B 276 3.72 -10.48 11.30
C TYR B 276 3.25 -9.24 12.15
N LYS B 277 4.12 -8.77 13.00
CA LYS B 277 3.90 -7.62 13.83
C LYS B 277 4.54 -6.37 13.31
N ALA B 278 3.85 -5.24 13.52
CA ALA B 278 4.37 -3.93 13.27
C ALA B 278 3.72 -2.94 14.23
N TYR B 279 4.41 -1.82 14.46
CA TYR B 279 3.83 -0.65 15.14
C TYR B 279 3.30 0.34 14.07
N ALA B 280 2.08 0.87 14.22
CA ALA B 280 1.48 1.72 13.14
C ALA B 280 0.75 2.88 13.83
N ILE B 281 1.01 4.12 13.41
CA ILE B 281 0.25 5.30 13.93
C ILE B 281 -0.50 5.93 12.75
N SER B 282 -1.79 6.27 12.93
CA SER B 282 -2.60 6.98 11.94
C SER B 282 -2.79 8.43 12.34
N GLY B 283 -2.28 9.34 11.50
CA GLY B 283 -2.53 10.76 11.63
C GLY B 283 -1.33 11.65 11.36
N PRO B 284 -1.57 12.93 11.06
CA PRO B 284 -0.46 13.80 10.83
C PRO B 284 0.36 13.91 12.10
N THR B 285 1.66 14.19 11.93
CA THR B 285 2.60 14.11 13.04
C THR B 285 2.39 15.31 13.99
N VAL B 286 2.46 15.02 15.30
CA VAL B 286 2.38 16.09 16.31
C VAL B 286 3.72 16.14 16.96
N GLN B 287 4.63 15.28 16.50
CA GLN B 287 5.98 15.31 17.06
C GLN B 287 6.60 16.71 17.23
N GLY B 288 7.22 16.96 18.39
CA GLY B 288 7.96 18.18 18.61
C GLY B 288 7.00 19.34 18.91
N GLY B 289 5.77 19.05 19.33
CA GLY B 289 4.77 20.10 19.68
C GLY B 289 3.99 20.72 18.52
N LEU B 290 3.93 20.06 17.36
CA LEU B 290 3.06 20.52 16.29
C LEU B 290 1.59 20.34 16.67
N PRO B 291 0.72 21.19 16.16
CA PRO B 291 -0.72 21.14 16.52
C PRO B 291 -1.42 19.89 16.03
N VAL B 292 -2.32 19.37 16.86
CA VAL B 292 -3.10 18.23 16.44
C VAL B 292 -3.89 18.59 15.19
N PHE B 293 -3.93 17.71 14.18
CA PHE B 293 -4.82 17.98 13.07
C PHE B 293 -6.34 17.78 13.39
N HIS B 294 -7.11 18.78 12.98
CA HIS B 294 -8.58 18.85 13.20
C HIS B 294 -9.23 19.11 11.92
N TRP B 295 -10.17 18.26 11.58
CA TRP B 295 -10.92 18.42 10.35
C TRP B 295 -11.73 19.73 10.34
N SER B 296 -11.97 20.28 11.53
CA SER B 296 -12.85 21.46 11.65
C SER B 296 -12.22 22.57 10.83
N ARG B 297 -10.90 22.58 10.76
CA ARG B 297 -10.22 23.62 9.99
C ARG B 297 -10.31 23.46 8.45
N PHE B 298 -10.81 22.31 7.96
CA PHE B 298 -10.93 22.05 6.50
C PHE B 298 -12.24 21.40 6.31
N ASN B 299 -13.28 22.11 6.73
CA ASN B 299 -14.56 21.40 6.95
C ASN B 299 -15.36 21.25 5.67
N LYS B 300 -14.89 21.86 4.58
CA LYS B 300 -15.52 21.52 3.28
C LYS B 300 -14.98 20.28 2.55
N THR B 301 -13.98 19.57 3.09
CA THR B 301 -13.49 18.32 2.50
C THR B 301 -14.23 17.17 3.11
N LEU B 302 -14.88 16.36 2.28
CA LEU B 302 -15.49 15.09 2.71
C LEU B 302 -14.50 14.14 3.34
N HIS B 303 -14.93 13.53 4.46
CA HIS B 303 -14.07 12.71 5.35
C HIS B 303 -15.01 11.84 6.15
N GLU B 304 -16.04 11.41 5.43
CA GLU B 304 -17.00 10.42 5.84
C GLU B 304 -16.31 9.23 6.52
N GLY B 305 -16.84 8.86 7.70
CA GLY B 305 -16.38 7.74 8.51
C GLY B 305 -15.22 7.97 9.45
N MET B 306 -14.51 9.10 9.34
CA MET B 306 -13.28 9.35 10.09
C MET B 306 -13.49 10.12 11.39
N PRO B 307 -12.53 10.01 12.33
CA PRO B 307 -12.66 10.97 13.46
C PRO B 307 -12.36 12.36 13.03
N GLU B 308 -12.70 13.31 13.90
CA GLU B 308 -12.53 14.77 13.72
CA GLU B 308 -12.51 14.66 13.50
C GLU B 308 -11.15 15.23 13.99
N ALA B 309 -10.50 14.54 14.93
CA ALA B 309 -9.20 14.94 15.38
C ALA B 309 -8.31 13.71 15.40
N TYR B 310 -7.05 13.94 15.03
CA TYR B 310 -6.03 12.88 14.97
C TYR B 310 -4.96 13.08 15.99
N ASN B 311 -5.09 12.36 17.10
CA ASN B 311 -4.04 12.42 18.10
C ASN B 311 -3.81 11.04 18.68
N PHE B 312 -3.75 10.05 17.80
CA PHE B 312 -3.58 8.69 18.24
C PHE B 312 -2.17 8.33 18.57
N ASP B 313 -1.98 7.12 19.05
CA ASP B 313 -0.61 6.65 19.24
C ASP B 313 -0.31 5.49 18.34
N PHE B 314 0.95 5.07 18.30
CA PHE B 314 1.29 3.83 17.61
C PHE B 314 0.61 2.69 18.38
N ILE B 315 -0.05 1.79 17.68
CA ILE B 315 -0.48 0.58 18.29
C ILE B 315 0.16 -0.62 17.63
N THR B 316 0.11 -1.75 18.31
CA THR B 316 0.66 -3.02 17.84
C THR B 316 -0.28 -3.72 16.92
N MET B 317 0.13 -3.95 15.67
CA MET B 317 -0.72 -4.69 14.70
C MET B 317 -0.15 -6.07 14.56
N LYS B 318 -0.97 -7.09 14.74
CA LYS B 318 -0.49 -8.46 14.59
C LYS B 318 -1.69 -9.33 14.30
N PRO B 319 -1.54 -10.42 13.53
CA PRO B 319 -2.71 -11.27 13.48
C PRO B 319 -2.97 -12.02 14.81
N ILE B 320 -4.25 -12.31 15.09
CA ILE B 320 -4.63 -13.07 16.28
C ILE B 320 -5.41 -14.37 16.06
N LEU B 321 -5.78 -14.72 14.84
CA LEU B 321 -6.48 -15.96 14.68
C LEU B 321 -5.51 -17.11 14.44
C1 NAG C . -10.19 -3.71 18.69
C2 NAG C . -9.37 -4.72 19.54
C3 NAG C . -9.30 -4.21 20.98
C4 NAG C . -8.90 -2.76 21.09
C5 NAG C . -9.74 -1.94 20.09
C6 NAG C . -9.37 -0.49 19.93
C7 NAG C . -9.63 -6.85 18.26
C8 NAG C . -10.25 -8.21 18.19
N2 NAG C . -9.89 -6.07 19.36
O3 NAG C . -8.28 -4.88 21.65
O4 NAG C . -9.03 -2.39 22.45
O5 NAG C . -9.60 -2.47 18.78
O6 NAG C . -8.00 -0.28 20.21
O7 NAG C . -8.95 -6.52 17.25
C1 NAG C . -7.87 -1.87 23.12
C2 NAG C . -8.27 -1.03 24.36
C3 NAG C . -7.14 -0.85 25.41
C4 NAG C . -6.38 -2.13 25.68
C5 NAG C . -5.86 -2.46 24.28
C6 NAG C . -4.74 -3.50 24.30
C7 NAG C . -9.86 0.81 23.74
C8 NAG C . -9.92 2.31 23.61
N2 NAG C . -8.66 0.34 24.09
O3 NAG C . -7.58 -0.29 26.63
O4 NAG C . -5.37 -1.88 26.64
O5 NAG C . -6.97 -2.90 23.50
O6 NAG C . -5.37 -4.70 24.62
O7 NAG C . -10.83 0.09 23.49
C1 NAG D . 11.34 10.88 -22.91
C2 NAG D . 12.81 10.98 -23.27
C3 NAG D . 13.00 10.68 -24.77
C4 NAG D . 12.18 9.49 -25.25
C5 NAG D . 10.75 9.53 -24.69
C6 NAG D . 9.87 8.32 -25.03
C7 NAG D . 14.13 12.55 -21.98
C8 NAG D . 14.38 13.96 -21.51
N2 NAG D . 13.11 12.32 -22.81
O3 NAG D . 14.32 10.31 -25.05
O4 NAG D . 12.25 9.49 -26.69
O5 NAG D . 10.84 9.62 -23.27
O6 NAG D . 10.54 7.17 -24.54
O7 NAG D . 14.89 11.67 -21.61
C1 NAG D . 12.73 8.22 -27.23
C2 NAG D . 12.15 7.95 -28.64
C3 NAG D . 13.02 7.09 -29.56
C4 NAG D . 14.51 6.96 -29.20
C5 NAG D . 14.66 6.89 -27.69
C6 NAG D . 16.12 6.64 -27.26
C7 NAG D . 9.67 7.93 -28.86
C8 NAG D . 8.40 7.13 -28.78
N2 NAG D . 10.83 7.32 -28.60
O3 NAG D . 12.99 7.70 -30.81
O4 NAG D . 15.08 5.85 -29.86
O5 NAG D . 14.16 8.12 -27.20
O6 NAG D . 16.83 7.86 -27.28
O7 NAG D . 9.59 9.13 -29.15
C1 NAG E . 23.93 -9.40 18.94
C2 NAG E . 22.99 -10.43 19.61
C3 NAG E . 22.24 -9.79 20.78
C4 NAG E . 23.14 -9.01 21.70
C5 NAG E . 24.16 -8.13 20.98
C6 NAG E . 25.21 -7.88 22.02
C7 NAG E . 22.04 -12.14 18.16
C8 NAG E . 21.03 -12.61 17.18
N2 NAG E . 21.97 -10.92 18.69
O3 NAG E . 21.63 -10.83 21.49
O4 NAG E . 22.22 -8.21 22.42
O5 NAG E . 24.80 -8.73 19.83
O6 NAG E . 25.97 -6.89 21.42
O7 NAG E . 22.96 -12.91 18.42
C1 NAG E . 22.63 -7.81 23.75
C2 NAG E . 21.38 -7.15 24.34
C3 NAG E . 21.13 -7.33 25.86
C4 NAG E . 21.98 -8.42 26.51
C5 NAG E . 23.38 -8.35 25.91
C6 NAG E . 24.45 -9.12 26.68
C7 NAG E . 22.47 -4.92 24.02
C8 NAG E . 22.25 -3.50 23.54
N2 NAG E . 21.42 -5.74 23.94
O3 NAG E . 19.79 -7.65 26.12
O4 NAG E . 21.94 -8.20 27.90
O5 NAG E . 23.26 -8.79 24.57
O6 NAG E . 24.59 -10.39 26.11
O7 NAG E . 23.57 -5.30 24.47
C8 P4G F . -27.89 -22.66 8.07
C7 P4G F . -26.82 -23.35 7.22
O4 P4G F . -25.59 -22.57 7.08
C6 P4G F . -24.39 -23.29 6.81
C5 P4G F . -23.56 -23.55 8.10
O3 P4G F . -23.92 -22.75 9.26
C4 P4G F . -23.33 -23.18 10.51
C3 P4G F . -23.20 -22.08 11.59
O2 P4G F . -24.27 -22.00 12.56
C2 P4G F . -24.38 -20.77 13.30
C1 P4G F . -24.73 -20.99 14.78
C1 NAG G . 21.80 10.48 -17.59
C2 NAG G . 22.74 9.59 -18.46
C3 NAG G . 24.19 10.17 -18.45
C4 NAG G . 24.14 11.62 -18.92
C5 NAG G . 23.37 12.21 -17.75
C6 NAG G . 23.62 13.70 -17.58
C7 NAG G . 22.09 7.17 -18.48
C8 NAG G . 22.29 5.87 -17.77
N2 NAG G . 22.77 8.22 -17.96
O3 NAG G . 25.10 9.35 -19.15
O4 NAG G . 25.43 12.22 -19.06
O5 NAG G . 22.00 11.86 -17.91
O6 NAG G . 23.05 14.26 -18.72
O7 NAG G . 21.36 7.22 -19.45
C1 NAG H . -16.12 25.71 8.93
C2 NAG H . -17.05 25.77 10.15
C3 NAG H . -17.71 27.13 10.18
C4 NAG H . -16.60 28.14 10.48
C5 NAG H . -15.44 28.01 9.47
C6 NAG H . -14.21 28.73 9.99
C7 NAG H . -17.70 23.62 11.21
C8 NAG H . -16.40 23.58 12.02
N2 NAG H . -17.97 24.64 10.34
O3 NAG H . -18.67 27.13 11.20
O4 NAG H . -17.09 29.47 10.43
O5 NAG H . -15.08 26.65 9.18
O6 NAG H . -13.24 28.69 8.96
O7 NAG H . -18.50 22.69 11.34
O1 P6G I . 17.31 -13.72 14.87
C2 P6G I . 16.18 -13.07 15.48
C3 P6G I . 15.19 -12.64 14.43
O4 P6G I . 14.80 -13.85 13.75
C5 P6G I . 13.63 -13.84 12.92
C6 P6G I . 13.55 -14.90 11.77
O7 P6G I . 13.36 -14.35 10.43
C8 P6G I . 13.13 -15.35 9.39
C9 P6G I . 12.48 -14.73 8.15
O10 P6G I . 11.85 -13.54 8.66
C11 P6G I . 10.80 -13.05 7.84
C12 P6G I . 9.49 -12.76 8.56
O13 P6G I . 8.46 -13.38 7.75
C14 P6G I . 7.44 -14.03 8.48
C15 P6G I . 7.24 -15.39 7.86
O16 P6G I . 6.87 -16.29 8.90
C17 P6G I . 6.52 -17.61 8.44
C18 P6G I . 7.70 -18.60 8.51
O19 P6G I . 8.94 -17.92 8.77
CL CL J . 26.31 5.38 4.14
#